data_7RC6
#
_entry.id   7RC6
#
_cell.length_a   78.029
_cell.length_b   78.029
_cell.length_c   153.399
_cell.angle_alpha   90.000
_cell.angle_beta   90.000
_cell.angle_gamma   120.000
#
_symmetry.space_group_name_H-M   'P 32 2 1'
#
loop_
_entity.id
_entity.type
_entity.pdbx_description
1 polymer 'Methyltransferase family protein'
2 polymer 'Aeronamide A peptide'
3 non-polymer 'SODIUM ION'
4 non-polymer S-ADENOSYL-L-HOMOCYSTEINE
5 water water
#
loop_
_entity_poly.entity_id
_entity_poly.type
_entity_poly.pdbx_seq_one_letter_code
_entity_poly.pdbx_strand_id
1 'polypeptide(L)'
;MTPPLATTIDRLRDYLDRVGFQQIYKYIVAVNHYAVTPALITRNTAASVHHFFDSRLGGRAEFALLQCLMTGRPAEHAAL
PDKDRALADALVTAGLLRASPDGREVSGADRQLISAFGVDLLIDRRIHFGGEVHEVYIGPDSYWMLYYINASGIARTHRA
VDLCTGSGIAALYLSLFTDHVLATDIGDVPLALVEINRRLNRRDAGTMEIRRENLNDTLDGRERFDLLTCNPPFVAFPPG
YSGTLYSQGTGVDGLGYMRDIVGRLPEVLNPGGSAYLVADLCGDAHGPHFLGELESMVTGHGMRIEAFIDHVLPASAQVG
PISDFLRHAAGLPADTDIAADVQAFQRETLRADYYYLTTIRLQTAAQNPGLRMLRRDPLPGAGT
;
A
2 'polypeptide(L)'
;(DAL)A(DAL)A(DVA)V(DTH)Y(DLE)G(DAL)A(DSG)V(DVA)G(DAL)A(DSG)G(DTH)V(DTH)A(DSG)A
(DVA)A(DSG)T(DSG)A(DVA)A
;
C
#
loop_
_chem_comp.id
_chem_comp.type
_chem_comp.name
_chem_comp.formula
NA non-polymer 'SODIUM ION' 'Na 1'
SAH non-polymer S-ADENOSYL-L-HOMOCYSTEINE 'C14 H20 N6 O5 S'
#
# COMPACT_ATOMS: atom_id res chain seq x y z
N MET A 1 3.13 -19.73 7.10
CA MET A 1 3.55 -20.26 5.80
C MET A 1 4.01 -21.71 5.94
N THR A 2 3.75 -22.53 4.93
CA THR A 2 4.26 -23.89 4.96
C THR A 2 5.78 -23.87 4.83
N PRO A 3 6.46 -24.93 5.29
CA PRO A 3 7.93 -24.97 5.16
C PRO A 3 8.40 -24.94 3.72
N PRO A 4 7.76 -25.67 2.78
CA PRO A 4 8.20 -25.53 1.38
C PRO A 4 8.08 -24.11 0.84
N LEU A 5 6.99 -23.41 1.15
CA LEU A 5 6.90 -22.03 0.69
C LEU A 5 7.96 -21.16 1.34
N ALA A 6 8.23 -21.39 2.63
CA ALA A 6 9.25 -20.59 3.32
C ALA A 6 10.62 -20.76 2.66
N THR A 7 10.98 -22.00 2.32
CA THR A 7 12.25 -22.24 1.64
C THR A 7 12.28 -21.55 0.28
N THR A 8 11.15 -21.56 -0.43
CA THR A 8 11.10 -20.91 -1.73
C THR A 8 11.31 -19.39 -1.61
N ILE A 9 10.71 -18.77 -0.60
CA ILE A 9 10.92 -17.33 -0.42
C ILE A 9 12.37 -17.04 -0.03
N ASP A 10 12.98 -17.91 0.80
CA ASP A 10 14.40 -17.73 1.10
C ASP A 10 15.25 -17.79 -0.17
N ARG A 11 14.97 -18.75 -1.05
CA ARG A 11 15.72 -18.85 -2.30
C ARG A 11 15.44 -17.66 -3.23
N LEU A 12 14.23 -17.12 -3.20
CA LEU A 12 13.94 -15.91 -3.97
C LEU A 12 14.78 -14.75 -3.46
N ARG A 13 14.81 -14.56 -2.14
CA ARG A 13 15.67 -13.53 -1.56
C ARG A 13 17.12 -13.70 -2.00
N ASP A 14 17.62 -14.94 -2.00
N ASP A 14 17.62 -14.94 -2.01
CA ASP A 14 18.97 -15.18 -2.47
CA ASP A 14 18.97 -15.20 -2.47
C ASP A 14 19.16 -14.74 -3.91
C ASP A 14 19.16 -14.75 -3.91
N TYR A 15 18.19 -15.04 -4.79
CA TYR A 15 18.30 -14.65 -6.19
C TYR A 15 18.31 -13.13 -6.33
N LEU A 16 17.38 -12.44 -5.66
CA LEU A 16 17.34 -10.99 -5.75
C LEU A 16 18.66 -10.37 -5.27
N ASP A 17 19.28 -10.96 -4.25
CA ASP A 17 20.58 -10.46 -3.78
C ASP A 17 21.67 -10.70 -4.83
N ARG A 18 21.67 -11.88 -5.45
CA ARG A 18 22.70 -12.27 -6.41
C ARG A 18 22.75 -11.32 -7.60
N VAL A 19 21.58 -10.87 -8.09
CA VAL A 19 21.51 -10.07 -9.30
C VAL A 19 21.23 -8.61 -9.00
N GLY A 20 21.23 -8.23 -7.73
CA GLY A 20 21.07 -6.83 -7.35
C GLY A 20 19.72 -6.25 -7.74
N PHE A 21 18.63 -6.98 -7.51
CA PHE A 21 17.30 -6.51 -7.92
C PHE A 21 17.03 -5.08 -7.45
N GLN A 22 17.18 -4.81 -6.16
CA GLN A 22 16.73 -3.52 -5.65
C GLN A 22 17.46 -2.37 -6.33
N GLN A 23 18.75 -2.55 -6.61
CA GLN A 23 19.51 -1.51 -7.31
C GLN A 23 19.02 -1.33 -8.75
N ILE A 24 18.70 -2.45 -9.42
N ILE A 24 18.69 -2.43 -9.43
CA ILE A 24 18.21 -2.40 -10.79
CA ILE A 24 18.23 -2.29 -10.82
C ILE A 24 16.88 -1.65 -10.87
C ILE A 24 16.87 -1.63 -10.87
N TYR A 25 15.95 -2.01 -9.97
CA TYR A 25 14.67 -1.30 -9.90
C TYR A 25 14.89 0.18 -9.64
N LYS A 26 15.75 0.50 -8.67
CA LYS A 26 16.00 1.90 -8.32
C LYS A 26 16.57 2.67 -9.50
N TYR A 27 17.44 2.01 -10.29
CA TYR A 27 18.01 2.68 -11.46
C TYR A 27 16.95 2.91 -12.53
N ILE A 28 16.12 1.91 -12.77
CA ILE A 28 15.09 2.01 -13.82
C ILE A 28 14.09 3.12 -13.50
N VAL A 29 13.63 3.20 -12.26
CA VAL A 29 12.59 4.20 -11.96
C VAL A 29 13.19 5.56 -11.62
N ALA A 30 14.42 5.60 -11.12
CA ALA A 30 15.20 6.78 -10.76
C ALA A 30 14.77 7.42 -9.44
N VAL A 31 15.71 8.11 -8.81
CA VAL A 31 15.50 8.65 -7.46
C VAL A 31 14.44 9.73 -7.43
N ASN A 32 14.17 10.42 -8.54
CA ASN A 32 13.10 11.40 -8.48
C ASN A 32 11.70 10.80 -8.59
N HIS A 33 11.58 9.49 -8.78
CA HIS A 33 10.28 8.82 -8.82
C HIS A 33 10.11 7.73 -7.78
N TYR A 34 11.21 7.20 -7.23
CA TYR A 34 11.18 5.99 -6.40
C TYR A 34 10.18 6.07 -5.25
N ALA A 35 10.05 7.23 -4.62
CA ALA A 35 9.16 7.36 -3.46
C ALA A 35 7.86 8.08 -3.80
N VAL A 36 7.59 8.38 -5.08
CA VAL A 36 6.39 9.11 -5.44
C VAL A 36 5.19 8.18 -5.54
N THR A 37 5.34 7.04 -6.20
CA THR A 37 4.19 6.18 -6.41
C THR A 37 4.67 4.78 -6.74
N PRO A 38 3.91 3.74 -6.38
CA PRO A 38 4.24 2.37 -6.81
C PRO A 38 3.87 2.10 -8.25
N ALA A 39 3.13 3.00 -8.90
CA ALA A 39 2.65 2.76 -10.26
C ALA A 39 3.65 3.29 -11.30
N LEU A 40 4.85 2.71 -11.26
CA LEU A 40 5.93 3.12 -12.15
C LEU A 40 6.20 2.09 -13.24
N ILE A 41 6.37 0.83 -12.84
CA ILE A 41 6.40 -0.27 -13.79
C ILE A 41 4.98 -0.80 -13.91
N THR A 42 4.39 -0.58 -15.09
CA THR A 42 2.98 -0.91 -15.33
C THR A 42 2.86 -1.46 -16.74
N ARG A 43 1.64 -1.84 -17.13
CA ARG A 43 1.41 -2.29 -18.50
C ARG A 43 1.87 -1.25 -19.52
N ASN A 44 1.79 0.03 -19.17
CA ASN A 44 2.12 1.10 -20.11
C ASN A 44 3.63 1.32 -20.24
N THR A 45 4.41 0.91 -19.25
CA THR A 45 5.85 1.11 -19.29
C THR A 45 6.64 -0.18 -19.45
N ALA A 46 5.96 -1.34 -19.52
CA ALA A 46 6.67 -2.62 -19.55
C ALA A 46 7.56 -2.75 -20.76
N ALA A 47 7.11 -2.28 -21.93
CA ALA A 47 7.92 -2.40 -23.13
C ALA A 47 9.23 -1.64 -22.98
N SER A 48 9.17 -0.47 -22.34
CA SER A 48 10.39 0.30 -22.11
C SER A 48 11.34 -0.44 -21.16
N VAL A 49 10.78 -1.09 -20.13
CA VAL A 49 11.60 -1.88 -19.21
C VAL A 49 12.28 -3.04 -19.95
N HIS A 50 11.50 -3.76 -20.76
CA HIS A 50 12.09 -4.86 -21.55
C HIS A 50 13.20 -4.37 -22.45
N HIS A 51 13.01 -3.20 -23.07
CA HIS A 51 14.05 -2.66 -23.94
C HIS A 51 15.31 -2.31 -23.15
N PHE A 52 15.15 -1.81 -21.93
CA PHE A 52 16.30 -1.51 -21.09
C PHE A 52 17.10 -2.78 -20.78
N PHE A 53 16.40 -3.85 -20.38
CA PHE A 53 17.10 -5.10 -20.12
C PHE A 53 17.79 -5.63 -21.37
N ASP A 54 17.13 -5.52 -22.53
CA ASP A 54 17.70 -6.09 -23.76
C ASP A 54 18.91 -5.29 -24.24
N SER A 55 18.85 -3.97 -24.14
CA SER A 55 19.80 -3.10 -24.82
C SER A 55 20.80 -2.45 -23.89
N ARG A 56 20.47 -2.28 -22.61
CA ARG A 56 21.43 -1.71 -21.68
C ARG A 56 21.97 -2.73 -20.68
N LEU A 57 21.29 -3.87 -20.50
CA LEU A 57 21.82 -4.95 -19.68
C LEU A 57 22.12 -6.19 -20.53
N GLY A 58 22.22 -6.00 -21.84
CA GLY A 58 22.69 -7.03 -22.75
C GLY A 58 21.81 -8.25 -22.87
N GLY A 59 20.57 -8.19 -22.41
CA GLY A 59 19.74 -9.39 -22.45
C GLY A 59 20.25 -10.54 -21.61
N ARG A 60 21.11 -10.27 -20.63
CA ARG A 60 21.78 -11.35 -19.89
C ARG A 60 20.77 -12.29 -19.23
N ALA A 61 21.04 -13.59 -19.34
CA ALA A 61 20.14 -14.60 -18.80
C ALA A 61 19.96 -14.49 -17.29
N GLU A 62 20.94 -13.94 -16.57
CA GLU A 62 20.79 -13.81 -15.13
C GLU A 62 19.63 -12.89 -14.75
N PHE A 63 19.14 -12.07 -15.68
CA PHE A 63 18.01 -11.19 -15.44
C PHE A 63 16.68 -11.73 -16.00
N ALA A 64 16.67 -12.93 -16.56
CA ALA A 64 15.44 -13.46 -17.15
C ALA A 64 14.37 -13.73 -16.09
N LEU A 65 14.73 -14.46 -15.03
CA LEU A 65 13.75 -14.72 -13.98
C LEU A 65 13.30 -13.42 -13.32
N LEU A 66 14.22 -12.47 -13.16
CA LEU A 66 13.88 -11.18 -12.57
C LEU A 66 12.76 -10.49 -13.34
N GLN A 67 12.81 -10.54 -14.67
CA GLN A 67 11.78 -9.87 -15.46
C GLN A 67 10.45 -10.62 -15.39
N CYS A 68 10.47 -11.96 -15.30
CA CYS A 68 9.23 -12.68 -15.03
C CYS A 68 8.54 -12.11 -13.80
N LEU A 69 9.33 -11.78 -12.78
CA LEU A 69 8.78 -11.26 -11.52
C LEU A 69 8.41 -9.77 -11.61
N MET A 70 9.19 -8.98 -12.34
CA MET A 70 8.96 -7.53 -12.36
C MET A 70 7.83 -7.15 -13.31
N THR A 71 7.79 -7.72 -14.52
CA THR A 71 6.80 -7.36 -15.53
C THR A 71 5.92 -8.52 -15.99
N GLY A 72 6.28 -9.76 -15.65
CA GLY A 72 5.63 -10.95 -16.19
C GLY A 72 6.18 -11.45 -17.50
N ARG A 73 7.23 -10.84 -18.03
CA ARG A 73 7.77 -11.19 -19.33
C ARG A 73 8.13 -12.67 -19.41
N PRO A 74 7.73 -13.39 -20.46
CA PRO A 74 8.10 -14.81 -20.54
C PRO A 74 9.59 -14.99 -20.75
N ALA A 75 10.12 -16.04 -20.13
CA ALA A 75 11.48 -16.53 -20.36
C ALA A 75 11.43 -17.99 -20.76
N GLU A 76 12.29 -18.39 -21.70
CA GLU A 76 12.44 -19.81 -22.01
C GLU A 76 13.01 -20.55 -20.81
N HIS A 77 12.31 -21.61 -20.38
CA HIS A 77 12.78 -22.39 -19.24
C HIS A 77 14.22 -22.87 -19.45
N ALA A 78 14.55 -23.28 -20.67
CA ALA A 78 15.88 -23.83 -20.94
C ALA A 78 16.96 -22.75 -20.99
N ALA A 79 16.59 -21.47 -21.12
CA ALA A 79 17.57 -20.40 -21.11
C ALA A 79 17.87 -19.88 -19.70
N LEU A 80 17.11 -20.31 -18.69
CA LEU A 80 17.39 -19.91 -17.32
C LEU A 80 18.70 -20.54 -16.85
N PRO A 81 19.57 -19.78 -16.19
CA PRO A 81 20.74 -20.40 -15.55
C PRO A 81 20.33 -21.48 -14.56
N ASP A 82 21.21 -22.47 -14.39
CA ASP A 82 20.88 -23.66 -13.60
C ASP A 82 20.24 -23.33 -12.24
N LYS A 83 20.88 -22.44 -11.47
CA LYS A 83 20.35 -22.11 -10.13
C LYS A 83 19.01 -21.39 -10.22
N ASP A 84 18.84 -20.53 -11.22
CA ASP A 84 17.59 -19.81 -11.39
C ASP A 84 16.47 -20.76 -11.84
N ARG A 85 16.83 -21.81 -12.58
CA ARG A 85 15.81 -22.70 -13.14
C ARG A 85 15.05 -23.45 -12.05
N ALA A 86 15.78 -23.99 -11.06
CA ALA A 86 15.13 -24.69 -9.96
C ALA A 86 14.26 -23.76 -9.13
N LEU A 87 14.72 -22.52 -8.93
CA LEU A 87 13.89 -21.56 -8.23
C LEU A 87 12.64 -21.22 -9.03
N ALA A 88 12.77 -21.05 -10.34
CA ALA A 88 11.59 -20.79 -11.16
C ALA A 88 10.54 -21.89 -10.99
N ASP A 89 10.98 -23.15 -11.02
CA ASP A 89 10.05 -24.26 -10.83
C ASP A 89 9.36 -24.18 -9.48
N ALA A 90 10.10 -23.78 -8.43
CA ALA A 90 9.51 -23.66 -7.10
C ALA A 90 8.50 -22.52 -7.04
N LEU A 91 8.78 -21.42 -7.74
CA LEU A 91 7.82 -20.31 -7.77
C LEU A 91 6.55 -20.70 -8.52
N VAL A 92 6.69 -21.47 -9.61
CA VAL A 92 5.50 -21.95 -10.32
C VAL A 92 4.67 -22.83 -9.41
N THR A 93 5.33 -23.75 -8.68
CA THR A 93 4.62 -24.62 -7.75
C THR A 93 3.87 -23.81 -6.70
N ALA A 94 4.47 -22.70 -6.25
CA ALA A 94 3.87 -21.83 -5.25
C ALA A 94 2.77 -20.93 -5.81
N GLY A 95 2.55 -20.93 -7.12
CA GLY A 95 1.59 -20.03 -7.74
C GLY A 95 2.05 -18.59 -7.88
N LEU A 96 3.34 -18.34 -7.67
CA LEU A 96 3.90 -16.99 -7.77
C LEU A 96 4.41 -16.68 -9.16
N LEU A 97 4.57 -17.70 -10.02
CA LEU A 97 4.82 -17.54 -11.44
C LEU A 97 3.99 -18.58 -12.17
N ARG A 98 3.87 -18.45 -13.48
CA ARG A 98 3.18 -19.43 -14.32
C ARG A 98 4.15 -20.14 -15.25
N ALA A 99 3.79 -21.38 -15.59
CA ALA A 99 4.42 -22.08 -16.70
C ALA A 99 3.46 -22.11 -17.87
N SER A 100 4.01 -22.03 -19.09
CA SER A 100 3.21 -22.19 -20.30
C SER A 100 2.68 -23.63 -20.36
N PRO A 101 1.64 -23.89 -21.17
CA PRO A 101 1.04 -25.23 -21.13
C PRO A 101 2.01 -26.33 -21.54
N ASP A 102 2.94 -26.05 -22.45
CA ASP A 102 3.93 -27.04 -22.86
C ASP A 102 5.17 -27.06 -21.95
N GLY A 103 5.21 -26.24 -20.89
CA GLY A 103 6.31 -26.27 -19.95
C GLY A 103 7.56 -25.56 -20.42
N ARG A 104 7.55 -24.97 -21.61
CA ARG A 104 8.76 -24.43 -22.20
C ARG A 104 9.07 -23.01 -21.76
N GLU A 105 8.10 -22.29 -21.19
CA GLU A 105 8.29 -20.93 -20.73
C GLU A 105 7.85 -20.77 -19.28
N VAL A 106 8.42 -19.73 -18.62
CA VAL A 106 7.96 -19.22 -17.33
C VAL A 106 7.57 -17.78 -17.52
N SER A 107 6.46 -17.34 -16.89
CA SER A 107 5.99 -15.97 -17.06
C SER A 107 5.24 -15.54 -15.80
N GLY A 108 4.68 -14.32 -15.84
CA GLY A 108 4.08 -13.76 -14.62
C GLY A 108 2.80 -14.47 -14.24
N ALA A 109 2.51 -14.47 -12.93
CA ALA A 109 1.19 -14.87 -12.42
C ALA A 109 0.46 -13.58 -11.97
N ASP A 110 0.00 -13.52 -10.72
CA ASP A 110 -0.68 -12.31 -10.24
C ASP A 110 0.14 -11.52 -9.22
N ARG A 111 1.46 -11.71 -9.17
CA ARG A 111 2.27 -10.98 -8.21
C ARG A 111 3.38 -10.24 -8.96
N GLN A 112 3.52 -8.95 -8.66
CA GLN A 112 4.51 -8.07 -9.28
C GLN A 112 5.57 -7.74 -8.24
N LEU A 113 6.84 -7.85 -8.61
CA LEU A 113 7.93 -7.51 -7.70
C LEU A 113 8.34 -6.05 -7.89
N ILE A 114 8.29 -5.27 -6.80
CA ILE A 114 8.76 -3.88 -6.77
C ILE A 114 9.71 -3.70 -5.59
N SER A 115 10.25 -2.49 -5.47
CA SER A 115 10.94 -2.07 -4.26
C SER A 115 10.39 -0.73 -3.82
N ALA A 116 10.24 -0.53 -2.51
CA ALA A 116 9.75 0.74 -1.98
C ALA A 116 10.42 0.98 -0.64
N PHE A 117 10.90 2.21 -0.43
CA PHE A 117 11.47 2.63 0.85
C PHE A 117 12.49 1.62 1.37
N GLY A 118 13.28 1.05 0.46
CA GLY A 118 14.39 0.20 0.82
C GLY A 118 14.04 -1.25 1.08
N VAL A 119 12.79 -1.65 0.87
CA VAL A 119 12.37 -3.03 1.08
C VAL A 119 11.96 -3.62 -0.26
N ASP A 120 12.02 -4.94 -0.35
CA ASP A 120 11.59 -5.65 -1.54
C ASP A 120 10.18 -6.18 -1.32
N LEU A 121 9.30 -6.02 -2.31
CA LEU A 121 7.88 -6.22 -2.06
C LEU A 121 7.19 -6.87 -3.26
N LEU A 122 6.50 -7.99 -3.02
CA LEU A 122 5.53 -8.49 -3.99
C LEU A 122 4.18 -7.82 -3.75
N ILE A 123 3.54 -7.38 -4.83
CA ILE A 123 2.22 -6.75 -4.75
C ILE A 123 1.29 -7.46 -5.73
N ASP A 124 0.00 -7.08 -5.71
CA ASP A 124 -0.97 -7.66 -6.64
C ASP A 124 -0.77 -7.02 -8.01
N ARG A 125 -0.32 -7.84 -8.98
CA ARG A 125 0.04 -7.36 -10.31
C ARG A 125 -1.15 -6.76 -11.06
N ARG A 126 -2.37 -7.18 -10.70
CA ARG A 126 -3.55 -6.68 -11.40
C ARG A 126 -3.79 -5.20 -11.16
N ILE A 127 -3.20 -4.62 -10.11
CA ILE A 127 -3.39 -3.19 -9.91
C ILE A 127 -2.68 -2.37 -10.98
N HIS A 128 -1.63 -2.90 -11.62
CA HIS A 128 -0.87 -2.14 -12.62
C HIS A 128 -0.90 -2.75 -14.01
N PHE A 129 -1.34 -3.98 -14.17
CA PHE A 129 -1.46 -4.67 -15.46
C PHE A 129 -2.93 -5.00 -15.68
N GLY A 130 -3.24 -5.82 -16.67
CA GLY A 130 -4.65 -6.01 -16.97
C GLY A 130 -5.47 -6.68 -15.85
N GLY A 131 -6.74 -6.90 -16.18
CA GLY A 131 -7.40 -8.09 -15.65
C GLY A 131 -8.51 -7.95 -14.62
N GLU A 132 -8.68 -9.02 -13.85
CA GLU A 132 -9.67 -9.03 -12.78
C GLU A 132 -9.32 -7.95 -11.77
N VAL A 133 -10.31 -7.58 -10.95
CA VAL A 133 -10.08 -6.57 -9.93
C VAL A 133 -9.02 -7.08 -8.96
N HIS A 134 -8.11 -6.19 -8.57
CA HIS A 134 -7.06 -6.58 -7.64
C HIS A 134 -7.64 -6.89 -6.26
N GLU A 135 -6.88 -7.67 -5.48
CA GLU A 135 -7.28 -8.09 -4.14
C GLU A 135 -6.37 -7.59 -3.04
N VAL A 136 -5.24 -6.97 -3.37
CA VAL A 136 -4.40 -6.28 -2.40
C VAL A 136 -4.15 -4.87 -2.91
N TYR A 137 -4.36 -3.88 -2.04
CA TYR A 137 -4.17 -2.49 -2.42
C TYR A 137 -2.75 -2.03 -2.17
N ILE A 138 -2.26 -1.16 -3.06
CA ILE A 138 -1.12 -0.28 -2.78
C ILE A 138 -1.24 0.91 -3.72
N GLY A 139 -0.81 2.09 -3.25
CA GLY A 139 -0.90 3.29 -4.07
C GLY A 139 0.01 4.41 -3.60
N PRO A 140 -0.08 5.59 -4.25
CA PRO A 140 0.73 6.73 -3.81
C PRO A 140 0.44 7.14 -2.37
N ASP A 141 -0.81 7.01 -1.91
CA ASP A 141 -1.11 7.31 -0.51
C ASP A 141 -0.30 6.43 0.43
N SER A 142 -0.13 5.14 0.09
CA SER A 142 0.72 4.25 0.88
C SER A 142 2.11 4.83 1.05
N TYR A 143 2.66 5.39 -0.04
CA TYR A 143 4.01 5.93 -0.02
C TYR A 143 4.08 7.22 0.78
N TRP A 144 3.12 8.11 0.58
CA TRP A 144 3.26 9.42 1.22
C TRP A 144 3.10 9.33 2.72
N MET A 145 2.31 8.38 3.21
CA MET A 145 2.20 8.15 4.64
C MET A 145 3.57 7.87 5.25
N LEU A 146 4.40 7.07 4.54
CA LEU A 146 5.73 6.72 5.06
C LEU A 146 6.74 7.86 4.88
N TYR A 147 6.61 8.60 3.78
CA TYR A 147 7.52 9.72 3.50
C TYR A 147 7.67 10.66 4.70
N TYR A 148 6.56 11.00 5.37
CA TYR A 148 6.63 12.01 6.43
C TYR A 148 7.14 11.46 7.75
N ILE A 149 7.42 10.16 7.87
CA ILE A 149 7.96 9.63 9.12
C ILE A 149 9.40 10.09 9.30
N ASN A 150 9.73 10.55 10.51
CA ASN A 150 11.10 10.93 10.87
C ASN A 150 11.83 9.69 11.36
N ALA A 151 12.54 9.00 10.43
CA ALA A 151 13.17 7.73 10.75
C ALA A 151 14.22 7.85 11.84
N SER A 152 14.96 8.97 11.89
CA SER A 152 16.03 9.08 12.89
C SER A 152 15.47 9.17 14.31
N GLY A 153 14.19 9.47 14.46
CA GLY A 153 13.57 9.50 15.76
C GLY A 153 13.10 8.17 16.31
N ILE A 154 13.20 7.10 15.54
CA ILE A 154 12.69 5.79 15.96
C ILE A 154 13.78 5.06 16.74
N ALA A 155 13.46 4.65 17.97
CA ALA A 155 14.36 3.87 18.80
C ALA A 155 14.18 2.39 18.55
N ARG A 156 15.25 1.62 18.80
CA ARG A 156 15.17 0.17 18.60
C ARG A 156 14.12 -0.45 19.51
N THR A 157 13.86 0.18 20.66
CA THR A 157 12.92 -0.33 21.64
C THR A 157 11.50 0.19 21.46
N HIS A 158 11.26 1.07 20.49
CA HIS A 158 9.92 1.61 20.32
C HIS A 158 8.96 0.53 19.83
N ARG A 159 7.77 0.50 20.42
CA ARG A 159 6.73 -0.45 20.01
C ARG A 159 5.89 0.18 18.91
N ALA A 160 5.89 -0.43 17.74
CA ALA A 160 5.21 0.14 16.59
C ALA A 160 4.09 -0.78 16.12
N VAL A 161 3.04 -0.18 15.56
CA VAL A 161 1.95 -0.96 14.97
C VAL A 161 1.58 -0.34 13.62
N ASP A 162 1.42 -1.21 12.63
CA ASP A 162 0.87 -0.88 11.31
C ASP A 162 -0.49 -1.57 11.21
N LEU A 163 -1.56 -0.80 11.40
CA LEU A 163 -2.92 -1.33 11.26
C LEU A 163 -3.30 -1.36 9.78
N CYS A 164 -4.02 -2.40 9.36
CA CYS A 164 -4.50 -2.51 7.97
C CYS A 164 -3.31 -2.60 7.01
N THR A 165 -2.46 -3.61 7.25
CA THR A 165 -1.13 -3.62 6.67
C THR A 165 -1.12 -3.96 5.17
N GLY A 166 -2.12 -4.66 4.65
CA GLY A 166 -2.13 -4.97 3.21
C GLY A 166 -0.92 -5.79 2.78
N SER A 167 -0.14 -5.27 1.81
CA SER A 167 1.08 -5.94 1.36
C SER A 167 2.13 -6.05 2.46
N GLY A 168 2.02 -5.23 3.51
CA GLY A 168 3.02 -5.16 4.56
C GLY A 168 3.99 -4.00 4.46
N ILE A 169 3.86 -3.13 3.45
CA ILE A 169 4.91 -2.15 3.16
C ILE A 169 5.21 -1.28 4.38
N ALA A 170 4.18 -0.76 5.05
CA ALA A 170 4.47 0.16 6.16
C ALA A 170 5.13 -0.56 7.33
N ALA A 171 4.61 -1.75 7.66
CA ALA A 171 5.21 -2.55 8.73
C ALA A 171 6.68 -2.86 8.43
N LEU A 172 6.98 -3.21 7.18
CA LEU A 172 8.35 -3.54 6.79
C LEU A 172 9.26 -2.31 6.85
N TYR A 173 8.74 -1.16 6.43
CA TYR A 173 9.49 0.08 6.60
C TYR A 173 9.81 0.33 8.07
N LEU A 174 8.80 0.23 8.94
CA LEU A 174 9.04 0.43 10.37
C LEU A 174 10.08 -0.55 10.90
N SER A 175 10.07 -1.78 10.38
N SER A 175 10.08 -1.79 10.38
CA SER A 175 11.00 -2.80 10.84
CA SER A 175 11.00 -2.79 10.86
C SER A 175 12.44 -2.50 10.47
C SER A 175 12.45 -2.49 10.47
N LEU A 176 12.69 -1.55 9.55
CA LEU A 176 14.06 -1.12 9.28
C LEU A 176 14.69 -0.45 10.49
N PHE A 177 13.87 0.10 11.39
CA PHE A 177 14.33 1.00 12.45
C PHE A 177 14.07 0.48 13.85
N THR A 178 12.91 -0.11 14.09
CA THR A 178 12.61 -0.68 15.40
C THR A 178 12.56 -2.20 15.34
N ASP A 179 12.93 -2.82 16.46
CA ASP A 179 12.89 -4.27 16.60
C ASP A 179 11.53 -4.79 17.07
N HIS A 180 10.49 -3.94 17.13
CA HIS A 180 9.18 -4.37 17.63
C HIS A 180 8.09 -3.79 16.73
N VAL A 181 7.55 -4.62 15.84
CA VAL A 181 6.50 -4.18 14.91
C VAL A 181 5.34 -5.17 14.96
N LEU A 182 4.13 -4.64 15.03
CA LEU A 182 2.91 -5.41 14.89
C LEU A 182 2.22 -4.99 13.59
N ALA A 183 1.83 -5.97 12.77
CA ALA A 183 1.15 -5.70 11.50
C ALA A 183 -0.17 -6.45 11.50
N THR A 184 -1.28 -5.74 11.23
CA THR A 184 -2.61 -6.37 11.31
C THR A 184 -3.40 -6.26 10.01
N ASP A 185 -4.31 -7.21 9.81
CA ASP A 185 -5.26 -7.14 8.70
C ASP A 185 -6.36 -8.16 9.00
N ILE A 186 -7.44 -8.12 8.21
CA ILE A 186 -8.48 -9.13 8.32
C ILE A 186 -8.76 -9.85 7.01
N GLY A 187 -8.12 -9.46 5.91
CA GLY A 187 -8.35 -10.13 4.63
C GLY A 187 -7.41 -11.30 4.44
N ASP A 188 -7.97 -12.43 3.97
CA ASP A 188 -7.16 -13.61 3.71
C ASP A 188 -6.02 -13.31 2.74
N VAL A 189 -6.30 -12.58 1.66
CA VAL A 189 -5.30 -12.41 0.61
C VAL A 189 -4.17 -11.49 1.08
N PRO A 190 -4.44 -10.30 1.66
CA PRO A 190 -3.30 -9.52 2.18
C PRO A 190 -2.54 -10.22 3.30
N LEU A 191 -3.22 -10.98 4.18
CA LEU A 191 -2.50 -11.67 5.24
C LEU A 191 -1.51 -12.69 4.68
N ALA A 192 -1.90 -13.45 3.66
CA ALA A 192 -0.96 -14.38 3.05
C ALA A 192 0.19 -13.66 2.37
N LEU A 193 -0.07 -12.48 1.80
CA LEU A 193 1.00 -11.76 1.11
C LEU A 193 1.99 -11.12 2.09
N VAL A 194 1.51 -10.55 3.21
CA VAL A 194 2.48 -9.98 4.15
C VAL A 194 3.33 -11.07 4.79
N GLU A 195 2.81 -12.30 4.92
CA GLU A 195 3.64 -13.42 5.37
C GLU A 195 4.82 -13.62 4.44
N ILE A 196 4.57 -13.62 3.13
CA ILE A 196 5.63 -13.75 2.14
C ILE A 196 6.60 -12.57 2.21
N ASN A 197 6.06 -11.34 2.25
CA ASN A 197 6.94 -10.18 2.20
C ASN A 197 7.78 -10.04 3.48
N ARG A 198 7.26 -10.49 4.63
CA ARG A 198 8.08 -10.48 5.84
C ARG A 198 9.33 -11.35 5.65
N ARG A 199 9.13 -12.57 5.17
CA ARG A 199 10.26 -13.47 4.94
C ARG A 199 11.17 -12.96 3.83
N LEU A 200 10.60 -12.34 2.79
CA LEU A 200 11.39 -11.83 1.68
C LEU A 200 12.40 -10.77 2.13
N ASN A 201 12.16 -10.12 3.27
CA ASN A 201 13.08 -9.12 3.79
C ASN A 201 13.77 -9.60 5.06
N ARG A 202 13.82 -10.92 5.29
CA ARG A 202 14.56 -11.55 6.38
C ARG A 202 14.07 -11.09 7.75
N ARG A 203 12.79 -10.79 7.88
CA ARG A 203 12.16 -10.60 9.17
C ARG A 203 11.43 -11.89 9.56
N ASP A 204 11.11 -12.02 10.84
CA ASP A 204 10.32 -13.16 11.26
C ASP A 204 9.49 -12.74 12.47
N ALA A 205 8.81 -13.72 13.07
CA ALA A 205 7.92 -13.42 14.18
C ALA A 205 8.66 -12.79 15.36
N GLY A 206 9.99 -12.93 15.41
CA GLY A 206 10.75 -12.34 16.49
C GLY A 206 10.77 -10.82 16.48
N THR A 207 10.64 -10.20 15.30
CA THR A 207 10.67 -8.74 15.20
C THR A 207 9.42 -8.14 14.58
N MET A 208 8.58 -8.96 13.94
CA MET A 208 7.37 -8.47 13.26
C MET A 208 6.26 -9.50 13.44
N GLU A 209 5.29 -9.19 14.30
CA GLU A 209 4.12 -10.06 14.45
C GLU A 209 3.11 -9.75 13.35
N ILE A 210 2.58 -10.79 12.70
CA ILE A 210 1.45 -10.65 11.80
C ILE A 210 0.23 -11.20 12.51
N ARG A 211 -0.82 -10.38 12.59
CA ARG A 211 -1.99 -10.73 13.38
C ARG A 211 -3.27 -10.50 12.58
N ARG A 212 -4.15 -11.52 12.57
CA ARG A 212 -5.50 -11.37 12.03
C ARG A 212 -6.38 -10.76 13.10
N GLU A 213 -6.70 -9.46 12.96
CA GLU A 213 -7.44 -8.73 13.99
C GLU A 213 -8.02 -7.46 13.39
N ASN A 214 -9.28 -7.17 13.71
CA ASN A 214 -9.95 -5.96 13.27
C ASN A 214 -9.33 -4.75 13.97
N LEU A 215 -9.18 -3.64 13.24
CA LEU A 215 -8.54 -2.48 13.84
C LEU A 215 -9.32 -1.98 15.05
N ASN A 216 -10.64 -2.12 15.05
CA ASN A 216 -11.45 -1.68 16.19
C ASN A 216 -11.13 -2.49 17.44
N ASP A 217 -10.79 -3.78 17.28
CA ASP A 217 -10.35 -4.58 18.42
C ASP A 217 -8.95 -4.20 18.86
N THR A 218 -8.03 -3.98 17.91
CA THR A 218 -6.69 -3.52 18.31
C THR A 218 -6.77 -2.15 18.97
N LEU A 219 -7.66 -1.27 18.50
CA LEU A 219 -7.73 0.08 19.09
C LEU A 219 -8.20 0.04 20.55
N ASP A 220 -9.16 -0.83 20.87
CA ASP A 220 -9.66 -0.85 22.24
C ASP A 220 -8.83 -1.75 23.16
N GLY A 221 -7.93 -2.56 22.60
CA GLY A 221 -7.07 -3.41 23.39
C GLY A 221 -6.19 -2.60 24.35
N ARG A 222 -5.47 -3.34 25.19
CA ARG A 222 -4.63 -2.73 26.21
C ARG A 222 -3.18 -2.56 25.78
N GLU A 223 -2.76 -3.14 24.65
CA GLU A 223 -1.40 -2.87 24.16
C GLU A 223 -1.23 -1.37 23.92
N ARG A 224 -0.04 -0.85 24.23
CA ARG A 224 0.26 0.55 24.06
C ARG A 224 1.45 0.70 23.11
N PHE A 225 1.44 1.76 22.30
CA PHE A 225 2.42 1.90 21.23
C PHE A 225 3.10 3.27 21.26
N ASP A 226 4.35 3.28 20.81
CA ASP A 226 5.10 4.51 20.60
C ASP A 226 4.89 5.09 19.21
N LEU A 227 4.49 4.28 18.24
CA LEU A 227 4.45 4.70 16.85
C LEU A 227 3.37 3.89 16.15
N LEU A 228 2.47 4.56 15.44
CA LEU A 228 1.38 3.90 14.75
C LEU A 228 1.28 4.41 13.32
N THR A 229 1.06 3.50 12.37
CA THR A 229 0.74 3.88 10.99
C THR A 229 -0.58 3.22 10.61
N CYS A 230 -1.39 3.93 9.81
CA CYS A 230 -2.59 3.28 9.28
C CYS A 230 -3.09 3.99 8.05
N ASN A 231 -3.16 3.25 6.94
CA ASN A 231 -3.89 3.63 5.74
C ASN A 231 -5.14 2.75 5.72
N PRO A 232 -6.26 3.20 6.29
CA PRO A 232 -7.47 2.36 6.36
C PRO A 232 -8.31 2.49 5.11
N PRO A 233 -9.28 1.61 4.90
CA PRO A 233 -10.30 1.89 3.88
C PRO A 233 -10.97 3.22 4.21
N PHE A 234 -10.98 4.13 3.22
CA PHE A 234 -11.51 5.48 3.45
C PHE A 234 -12.43 5.99 2.35
N VAL A 235 -12.73 5.20 1.32
CA VAL A 235 -13.51 5.71 0.19
C VAL A 235 -14.98 5.54 0.51
N ALA A 236 -15.76 6.56 0.18
CA ALA A 236 -17.21 6.53 0.38
C ALA A 236 -17.89 6.27 -0.95
N PHE A 237 -18.71 5.23 -1.01
CA PHE A 237 -19.47 4.91 -2.21
C PHE A 237 -20.96 5.17 -1.99
N PRO A 238 -21.72 5.47 -3.06
CA PRO A 238 -23.15 5.78 -2.89
C PRO A 238 -23.92 4.60 -2.34
N PRO A 239 -25.06 4.85 -1.68
CA PRO A 239 -25.89 3.75 -1.18
C PRO A 239 -26.30 2.79 -2.29
N GLY A 240 -26.30 1.49 -1.96
CA GLY A 240 -26.66 0.46 -2.90
C GLY A 240 -25.50 -0.16 -3.66
N TYR A 241 -24.29 0.39 -3.51
CA TYR A 241 -23.12 -0.10 -4.21
C TYR A 241 -22.17 -0.76 -3.23
N SER A 242 -21.58 -1.89 -3.64
CA SER A 242 -20.56 -2.55 -2.84
C SER A 242 -19.19 -2.28 -3.44
N GLY A 243 -18.23 -1.94 -2.59
CA GLY A 243 -16.85 -1.82 -3.04
C GLY A 243 -16.05 -3.08 -2.78
N THR A 244 -14.89 -2.92 -2.17
CA THR A 244 -14.03 -4.02 -1.76
C THR A 244 -13.54 -3.79 -0.34
N LEU A 245 -12.94 -4.83 0.23
CA LEU A 245 -12.45 -4.76 1.61
C LEU A 245 -11.41 -3.65 1.79
N TYR A 246 -10.55 -3.43 0.79
CA TYR A 246 -9.50 -2.43 0.98
C TYR A 246 -9.99 -1.01 0.73
N SER A 247 -11.11 -0.83 0.02
CA SER A 247 -11.53 0.49 -0.41
C SER A 247 -12.65 1.10 0.44
N GLN A 248 -13.63 0.31 0.87
CA GLN A 248 -14.88 0.90 1.36
C GLN A 248 -14.76 1.32 2.82
N GLY A 249 -14.77 2.63 3.07
CA GLY A 249 -14.76 3.13 4.43
C GLY A 249 -16.09 2.94 5.12
N THR A 250 -16.07 3.01 6.44
CA THR A 250 -17.28 2.91 7.24
C THR A 250 -17.89 4.28 7.45
N GLY A 251 -19.11 4.30 7.98
CA GLY A 251 -19.81 5.53 8.26
C GLY A 251 -20.44 6.12 7.02
N VAL A 252 -21.23 7.18 7.25
CA VAL A 252 -22.03 7.79 6.20
C VAL A 252 -21.17 8.35 5.09
N ASP A 253 -19.99 8.87 5.43
CA ASP A 253 -19.10 9.56 4.50
C ASP A 253 -17.76 8.83 4.34
N GLY A 254 -17.71 7.55 4.71
CA GLY A 254 -16.52 6.76 4.50
C GLY A 254 -15.39 7.00 5.49
N LEU A 255 -15.55 7.90 6.45
CA LEU A 255 -14.45 8.25 7.35
C LEU A 255 -14.55 7.59 8.73
N GLY A 256 -15.43 6.60 8.90
CA GLY A 256 -15.62 6.02 10.22
C GLY A 256 -14.35 5.46 10.85
N TYR A 257 -13.52 4.78 10.06
CA TYR A 257 -12.28 4.23 10.62
C TYR A 257 -11.32 5.33 11.05
N MET A 258 -11.25 6.43 10.29
CA MET A 258 -10.39 7.54 10.68
C MET A 258 -10.85 8.13 12.01
N ARG A 259 -12.17 8.28 12.21
CA ARG A 259 -12.69 8.74 13.49
C ARG A 259 -12.36 7.76 14.61
N ASP A 260 -12.55 6.46 14.37
CA ASP A 260 -12.22 5.45 15.37
C ASP A 260 -10.78 5.55 15.80
N ILE A 261 -9.85 5.65 14.84
CA ILE A 261 -8.43 5.68 15.17
C ILE A 261 -8.09 6.94 15.98
N VAL A 262 -8.41 8.12 15.42
CA VAL A 262 -8.01 9.37 16.06
C VAL A 262 -8.58 9.47 17.47
N GLY A 263 -9.83 9.05 17.64
CA GLY A 263 -10.46 9.13 18.95
C GLY A 263 -9.76 8.32 20.02
N ARG A 264 -9.06 7.24 19.65
CA ARG A 264 -8.38 6.38 20.61
C ARG A 264 -6.89 6.69 20.78
N LEU A 265 -6.31 7.60 20.00
CA LEU A 265 -4.86 7.82 20.13
C LEU A 265 -4.42 8.26 21.52
N PRO A 266 -5.14 9.11 22.26
CA PRO A 266 -4.66 9.47 23.59
C PRO A 266 -4.57 8.28 24.53
N GLU A 267 -5.33 7.22 24.25
CA GLU A 267 -5.30 6.03 25.10
C GLU A 267 -4.33 4.97 24.58
N VAL A 268 -4.22 4.80 23.25
CA VAL A 268 -3.39 3.70 22.74
C VAL A 268 -1.93 4.09 22.52
N LEU A 269 -1.64 5.37 22.29
CA LEU A 269 -0.25 5.81 22.20
C LEU A 269 0.27 6.13 23.59
N ASN A 270 1.52 5.77 23.84
CA ASN A 270 2.22 6.27 25.02
C ASN A 270 2.35 7.79 24.91
N PRO A 271 2.46 8.50 26.04
CA PRO A 271 2.59 9.96 25.97
C PRO A 271 3.81 10.36 25.15
N GLY A 272 3.59 11.25 24.18
CA GLY A 272 4.66 11.63 23.27
C GLY A 272 4.79 10.75 22.05
N GLY A 273 4.01 9.68 21.96
CA GLY A 273 3.99 8.85 20.77
C GLY A 273 3.37 9.57 19.59
N SER A 274 3.57 9.00 18.41
N SER A 274 3.56 9.01 18.40
CA SER A 274 3.12 9.59 17.15
CA SER A 274 3.08 9.65 17.17
C SER A 274 2.30 8.59 16.35
C SER A 274 2.39 8.63 16.26
N ALA A 275 1.36 9.10 15.57
CA ALA A 275 0.62 8.30 14.61
C ALA A 275 0.71 8.97 13.25
N TYR A 276 0.76 8.14 12.19
CA TYR A 276 0.73 8.62 10.81
C TYR A 276 -0.43 7.95 10.11
N LEU A 277 -1.36 8.76 9.57
CA LEU A 277 -2.52 8.29 8.82
C LEU A 277 -2.51 8.91 7.43
N VAL A 278 -3.23 8.31 6.48
CA VAL A 278 -3.41 8.91 5.17
C VAL A 278 -4.84 8.65 4.69
N ALA A 279 -5.41 9.65 4.00
CA ALA A 279 -6.75 9.49 3.43
C ALA A 279 -6.97 10.54 2.35
N ASP A 280 -7.81 10.19 1.39
CA ASP A 280 -8.27 11.14 0.36
C ASP A 280 -9.56 11.75 0.89
N LEU A 281 -9.47 12.98 1.41
CA LEU A 281 -10.52 13.60 2.22
C LEU A 281 -11.31 14.61 1.40
N CYS A 282 -12.64 14.50 1.43
N CYS A 282 -12.63 14.50 1.41
CA CYS A 282 -13.49 15.46 0.75
CA CYS A 282 -13.46 15.47 0.70
C CYS A 282 -13.53 16.79 1.51
C CYS A 282 -13.58 16.76 1.49
N GLY A 283 -13.77 17.87 0.77
CA GLY A 283 -13.92 19.16 1.43
C GLY A 283 -14.41 20.22 0.47
N ASP A 284 -14.50 21.44 1.00
CA ASP A 284 -14.81 22.61 0.18
C ASP A 284 -13.51 23.24 -0.30
N ALA A 285 -13.60 24.47 -0.82
CA ALA A 285 -12.42 25.15 -1.33
C ALA A 285 -11.40 25.44 -0.24
N HIS A 286 -11.85 25.61 1.01
CA HIS A 286 -10.91 25.92 2.08
C HIS A 286 -10.05 24.71 2.45
N GLY A 287 -10.66 23.53 2.53
CA GLY A 287 -9.93 22.35 2.92
C GLY A 287 -10.82 21.17 3.26
N PRO A 288 -10.22 20.07 3.69
CA PRO A 288 -10.99 18.86 3.98
C PRO A 288 -11.89 19.00 5.20
N HIS A 289 -13.12 18.49 5.09
CA HIS A 289 -14.07 18.56 6.19
C HIS A 289 -13.52 17.89 7.44
N PHE A 290 -12.82 16.76 7.27
CA PHE A 290 -12.39 15.96 8.42
C PHE A 290 -11.49 16.75 9.36
N LEU A 291 -10.67 17.66 8.82
CA LEU A 291 -9.77 18.39 9.70
C LEU A 291 -10.54 19.27 10.69
N GLY A 292 -11.76 19.67 10.34
CA GLY A 292 -12.59 20.42 11.27
C GLY A 292 -13.00 19.62 12.49
N GLU A 293 -13.03 18.30 12.40
CA GLU A 293 -13.40 17.45 13.53
C GLU A 293 -12.27 17.25 14.53
N LEU A 294 -11.05 17.70 14.20
CA LEU A 294 -9.89 17.36 15.00
C LEU A 294 -9.54 18.41 16.06
N GLU A 295 -10.18 19.57 16.04
CA GLU A 295 -9.88 20.58 17.04
C GLU A 295 -10.13 20.06 18.45
N SER A 296 -11.13 19.20 18.63
CA SER A 296 -11.39 18.58 19.93
C SER A 296 -10.16 17.86 20.47
N MET A 297 -9.37 17.25 19.59
CA MET A 297 -8.16 16.57 20.05
C MET A 297 -7.07 17.56 20.43
N VAL A 298 -7.02 18.73 19.79
CA VAL A 298 -6.04 19.75 20.18
C VAL A 298 -6.41 20.34 21.54
N THR A 299 -7.63 20.84 21.69
CA THR A 299 -7.98 21.52 22.93
C THR A 299 -8.30 20.52 24.04
N GLY A 300 -8.93 19.40 23.70
CA GLY A 300 -9.27 18.41 24.70
C GLY A 300 -8.11 17.58 25.21
N HIS A 301 -7.11 17.30 24.36
CA HIS A 301 -6.04 16.40 24.74
C HIS A 301 -4.64 16.97 24.53
N GLY A 302 -4.52 18.24 24.14
CA GLY A 302 -3.19 18.81 23.97
C GLY A 302 -2.37 18.16 22.89
N MET A 303 -3.02 17.71 21.82
CA MET A 303 -2.26 17.07 20.75
C MET A 303 -1.74 18.10 19.76
N ARG A 304 -0.69 17.72 19.02
CA ARG A 304 -0.26 18.45 17.83
C ARG A 304 -0.64 17.60 16.62
N ILE A 305 -1.27 18.23 15.64
CA ILE A 305 -1.77 17.54 14.48
C ILE A 305 -1.32 18.30 13.24
N GLU A 306 -0.59 17.63 12.35
CA GLU A 306 -0.06 18.24 11.14
C GLU A 306 -0.66 17.52 9.94
N ALA A 307 -1.25 18.26 9.02
CA ALA A 307 -1.91 17.68 7.85
C ALA A 307 -1.20 18.16 6.60
N PHE A 308 -0.64 17.21 5.83
CA PHE A 308 0.15 17.51 4.63
C PHE A 308 -0.69 17.19 3.40
N ILE A 309 -1.18 18.22 2.72
CA ILE A 309 -2.04 18.03 1.56
C ILE A 309 -1.16 18.02 0.32
N ASP A 310 -1.01 16.84 -0.30
CA ASP A 310 -0.04 16.72 -1.39
C ASP A 310 -0.68 16.63 -2.77
N HIS A 311 -2.01 16.54 -2.86
CA HIS A 311 -2.67 16.51 -4.15
C HIS A 311 -4.11 16.94 -3.97
N VAL A 312 -4.61 17.75 -4.91
CA VAL A 312 -5.97 18.26 -4.88
C VAL A 312 -6.63 17.96 -6.22
N LEU A 313 -7.83 17.40 -6.18
CA LEU A 313 -8.64 17.16 -7.38
C LEU A 313 -10.05 17.71 -7.19
N PRO A 314 -10.64 18.27 -8.25
CA PRO A 314 -12.08 18.56 -8.21
C PRO A 314 -12.87 17.26 -8.10
N ALA A 315 -14.03 17.33 -7.46
CA ALA A 315 -14.86 16.14 -7.30
C ALA A 315 -15.25 15.56 -8.65
N SER A 316 -15.41 16.41 -9.66
CA SER A 316 -15.78 15.93 -10.99
C SER A 316 -14.73 14.98 -11.56
N ALA A 317 -13.46 15.14 -11.18
CA ALA A 317 -12.41 14.27 -11.67
C ALA A 317 -12.43 12.88 -11.05
N GLN A 318 -13.16 12.70 -9.94
CA GLN A 318 -13.26 11.37 -9.32
C GLN A 318 -14.48 10.59 -9.77
N VAL A 319 -15.42 11.21 -10.48
CA VAL A 319 -16.66 10.52 -10.84
C VAL A 319 -16.38 9.33 -11.75
N GLY A 320 -15.48 9.49 -12.71
CA GLY A 320 -15.11 8.44 -13.63
C GLY A 320 -14.37 7.30 -12.97
N PRO A 321 -13.27 7.62 -12.28
CA PRO A 321 -12.55 6.55 -11.55
C PRO A 321 -13.43 5.77 -10.57
N ILE A 322 -14.25 6.46 -9.77
CA ILE A 322 -15.07 5.75 -8.78
C ILE A 322 -16.12 4.90 -9.49
N SER A 323 -16.81 5.47 -10.48
CA SER A 323 -17.86 4.72 -11.15
C SER A 323 -17.30 3.53 -11.93
N ASP A 324 -16.14 3.71 -12.59
CA ASP A 324 -15.47 2.58 -13.25
C ASP A 324 -15.14 1.47 -12.25
N PHE A 325 -14.62 1.85 -11.09
CA PHE A 325 -14.23 0.85 -10.10
C PHE A 325 -15.43 0.08 -9.61
N LEU A 326 -16.53 0.79 -9.31
CA LEU A 326 -17.75 0.11 -8.86
C LEU A 326 -18.27 -0.85 -9.91
N ARG A 327 -18.25 -0.44 -11.18
CA ARG A 327 -18.72 -1.31 -12.26
C ARG A 327 -17.88 -2.57 -12.36
N HIS A 328 -16.55 -2.42 -12.34
CA HIS A 328 -15.63 -3.57 -12.40
C HIS A 328 -15.76 -4.47 -11.18
N ALA A 329 -15.81 -3.86 -9.99
CA ALA A 329 -15.76 -4.65 -8.76
C ALA A 329 -16.98 -5.56 -8.61
N ALA A 330 -18.16 -5.08 -8.98
CA ALA A 330 -19.37 -5.87 -8.84
C ALA A 330 -19.78 -6.58 -10.12
N GLY A 331 -19.00 -6.45 -11.19
CA GLY A 331 -19.35 -7.11 -12.44
C GLY A 331 -20.63 -6.60 -13.07
N LEU A 332 -20.86 -5.29 -13.01
CA LEU A 332 -22.09 -4.70 -13.50
C LEU A 332 -22.01 -4.44 -14.99
N PRO A 333 -23.15 -4.47 -15.68
CA PRO A 333 -23.18 -4.12 -17.10
C PRO A 333 -23.01 -2.61 -17.29
N ALA A 334 -23.05 -2.19 -18.55
CA ALA A 334 -22.69 -0.82 -18.91
C ALA A 334 -23.90 0.08 -19.15
N ASP A 335 -25.07 -0.29 -18.65
CA ASP A 335 -26.27 0.47 -18.96
C ASP A 335 -26.92 1.10 -17.73
N THR A 336 -26.18 1.27 -16.64
CA THR A 336 -26.71 2.02 -15.50
C THR A 336 -25.86 3.26 -15.29
N ASP A 337 -26.51 4.34 -14.88
CA ASP A 337 -25.87 5.65 -14.79
C ASP A 337 -25.21 5.80 -13.42
N ILE A 338 -24.14 5.01 -13.23
CA ILE A 338 -23.41 5.05 -11.95
C ILE A 338 -22.80 6.43 -11.73
N ALA A 339 -22.34 7.07 -12.81
CA ALA A 339 -21.76 8.41 -12.67
C ALA A 339 -22.73 9.38 -12.02
N ALA A 340 -24.01 9.34 -12.41
CA ALA A 340 -24.98 10.24 -11.80
C ALA A 340 -25.17 9.94 -10.31
N ASP A 341 -25.17 8.66 -9.94
CA ASP A 341 -25.29 8.30 -8.53
C ASP A 341 -24.09 8.78 -7.73
N VAL A 342 -22.89 8.68 -8.31
CA VAL A 342 -21.71 9.17 -7.62
C VAL A 342 -21.79 10.68 -7.47
N GLN A 343 -22.15 11.38 -8.55
CA GLN A 343 -22.29 12.84 -8.50
C GLN A 343 -23.27 13.28 -7.43
N ALA A 344 -24.46 12.67 -7.41
CA ALA A 344 -25.47 13.07 -6.43
C ALA A 344 -24.98 12.83 -5.01
N PHE A 345 -24.29 11.72 -4.80
CA PHE A 345 -23.78 11.37 -3.48
C PHE A 345 -22.71 12.35 -3.02
N GLN A 346 -21.79 12.73 -3.92
CA GLN A 346 -20.77 13.70 -3.56
C GLN A 346 -21.39 15.02 -3.12
N ARG A 347 -22.47 15.42 -3.79
CA ARG A 347 -23.05 16.73 -3.52
C ARG A 347 -23.87 16.72 -2.24
N GLU A 348 -24.79 15.76 -2.11
CA GLU A 348 -25.73 15.75 -1.00
C GLU A 348 -25.12 15.25 0.31
N THR A 349 -24.35 14.17 0.26
CA THR A 349 -23.86 13.55 1.47
C THR A 349 -22.42 13.96 1.81
N LEU A 350 -21.52 13.89 0.83
CA LEU A 350 -20.12 14.20 1.11
C LEU A 350 -19.86 15.70 1.15
N ARG A 351 -20.73 16.51 0.54
CA ARG A 351 -20.48 17.94 0.34
C ARG A 351 -19.10 18.17 -0.25
N ALA A 352 -18.78 17.39 -1.28
CA ALA A 352 -17.42 17.33 -1.81
C ALA A 352 -17.30 18.21 -3.05
N ASP A 353 -16.64 19.35 -2.89
CA ASP A 353 -16.18 20.14 -4.03
C ASP A 353 -14.82 19.69 -4.51
N TYR A 354 -13.99 19.18 -3.59
CA TYR A 354 -12.63 18.74 -3.87
C TYR A 354 -12.31 17.52 -3.04
N TYR A 355 -11.33 16.74 -3.53
CA TYR A 355 -10.72 15.66 -2.77
C TYR A 355 -9.28 16.05 -2.45
N TYR A 356 -8.89 15.93 -1.18
CA TYR A 356 -7.58 16.35 -0.69
C TYR A 356 -6.81 15.14 -0.20
N LEU A 357 -5.76 14.74 -0.92
CA LEU A 357 -4.96 13.59 -0.51
C LEU A 357 -4.03 14.05 0.61
N THR A 358 -4.28 13.58 1.83
CA THR A 358 -3.76 14.18 3.05
C THR A 358 -3.07 13.13 3.90
N THR A 359 -1.81 13.36 4.24
CA THR A 359 -1.14 12.60 5.30
C THR A 359 -1.31 13.39 6.60
N ILE A 360 -1.65 12.69 7.69
CA ILE A 360 -1.89 13.33 8.98
C ILE A 360 -0.92 12.76 10.01
N ARG A 361 -0.15 13.63 10.65
CA ARG A 361 0.74 13.22 11.73
C ARG A 361 0.14 13.74 13.03
N LEU A 362 -0.03 12.84 14.01
CA LEU A 362 -0.67 13.21 15.28
C LEU A 362 0.25 12.81 16.43
N GLN A 363 0.46 13.72 17.38
CA GLN A 363 1.32 13.39 18.51
C GLN A 363 0.59 13.75 19.79
N THR A 364 0.66 12.85 20.77
CA THR A 364 0.08 13.08 22.08
C THR A 364 1.04 13.86 22.98
N ALA A 365 0.48 14.51 23.99
CA ALA A 365 1.24 15.23 25.01
C ALA A 365 2.27 16.17 24.38
N ALA A 366 1.80 16.94 23.40
CA ALA A 366 2.70 17.76 22.61
C ALA A 366 3.19 18.98 23.40
N GLN A 367 4.47 19.31 23.23
CA GLN A 367 4.96 20.56 23.83
C GLN A 367 4.41 21.79 23.11
N ASN A 368 4.16 21.67 21.80
CA ASN A 368 3.56 22.75 21.00
C ASN A 368 2.25 22.28 20.40
N PRO A 369 1.18 22.18 21.18
CA PRO A 369 -0.09 21.67 20.65
C PRO A 369 -0.69 22.63 19.61
N GLY A 370 -1.51 22.06 18.74
CA GLY A 370 -2.18 22.84 17.70
C GLY A 370 -2.40 22.01 16.46
N LEU A 371 -3.24 22.54 15.57
CA LEU A 371 -3.51 21.98 14.24
C LEU A 371 -2.83 22.83 13.19
N ARG A 372 -2.06 22.19 12.31
CA ARG A 372 -1.38 22.86 11.21
C ARG A 372 -1.77 22.17 9.91
N MET A 373 -2.27 22.93 8.93
CA MET A 373 -2.65 22.32 7.65
C MET A 373 -1.78 22.95 6.57
N LEU A 374 -1.02 22.11 5.87
CA LEU A 374 -0.05 22.56 4.88
C LEU A 374 -0.60 22.30 3.48
N ARG A 375 -0.75 23.36 2.69
CA ARG A 375 -1.15 23.29 1.29
C ARG A 375 -0.19 24.10 0.44
N ARG A 376 0.08 23.61 -0.77
CA ARG A 376 0.87 24.35 -1.76
C ARG A 376 -0.05 25.17 -2.64
N DTH B 7 -7.84 12.11 -12.70
CA DTH B 7 -6.65 12.05 -13.54
CB DTH B 7 -6.91 11.35 -14.90
CG2 DTH B 7 -7.36 9.91 -14.67
OG1 DTH B 7 -5.72 11.36 -15.69
C DTH B 7 -5.49 11.36 -12.82
O DTH B 7 -5.70 10.46 -12.00
N TYR B 8 -4.27 11.79 -13.13
CA TYR B 8 -3.09 11.33 -12.40
C TYR B 8 -3.23 11.78 -10.95
N DLE B 9 -3.17 10.84 -10.02
CA DLE B 9 -3.33 11.16 -8.61
CB DLE B 9 -2.19 10.54 -7.78
CG DLE B 9 -0.80 11.05 -8.16
CD1 DLE B 9 -0.60 12.51 -7.73
CD2 DLE B 9 0.31 10.16 -7.59
C DLE B 9 -4.70 10.76 -8.06
O DLE B 9 -4.98 10.94 -6.87
N GLY B 10 -5.55 10.23 -8.92
CA GLY B 10 -6.91 9.90 -8.52
C GLY B 10 -7.12 8.45 -8.09
N DAL B 11 -8.23 8.21 -7.39
CA DAL B 11 -8.63 6.84 -7.04
CB DAL B 11 -10.15 6.75 -6.86
C DAL B 11 -7.90 6.14 -5.86
O DAL B 11 -7.81 4.93 -5.83
N ALA B 12 -7.35 6.89 -4.89
CA ALA B 12 -6.63 6.31 -3.74
C ALA B 12 -7.51 5.36 -2.84
N DSG B 13 -6.96 4.27 -2.21
CA DSG B 13 -7.80 3.22 -1.50
C DSG B 13 -8.64 2.56 -2.60
O DSG B 13 -9.27 1.57 -2.31
CB DSG B 13 -7.15 1.85 -0.90
CG DSG B 13 -6.27 1.95 0.44
OD1 DSG B 13 -5.73 3.03 0.71
ND2 DSG B 13 -6.01 0.71 1.21
N VAL B 14 -8.55 2.97 -3.86
CA VAL B 14 -9.14 2.19 -4.94
C VAL B 14 -8.02 1.62 -5.84
N DVA B 15 -7.29 2.48 -6.57
CA DVA B 15 -6.22 1.99 -7.46
CB DVA B 15 -5.16 3.10 -7.77
CG1 DVA B 15 -5.80 4.25 -8.55
CG2 DVA B 15 -4.52 3.61 -6.47
C DVA B 15 -6.74 1.36 -8.75
O DVA B 15 -7.96 1.24 -8.94
N GLY B 16 -5.83 0.93 -9.62
CA GLY B 16 -6.21 0.31 -10.88
C GLY B 16 -7.02 1.23 -11.78
NA NA C . -7.08 3.38 2.25
N SAH D . -1.32 -0.38 4.56
CA SAH D . -1.39 -0.79 3.15
CB SAH D . -2.80 -1.25 2.77
CG SAH D . -3.92 -0.20 2.91
SD SAH D . -5.47 -0.63 2.03
C SAH D . -0.93 0.38 2.27
O SAH D . -0.69 0.18 1.08
OXT SAH D . -0.80 1.53 2.75
C5' SAH D . -6.48 -1.00 3.51
C4' SAH D . -6.29 -2.38 4.18
O4' SAH D . -7.17 -2.53 5.31
C3' SAH D . -6.60 -3.59 3.30
O3' SAH D . -5.45 -4.42 3.26
C2' SAH D . -7.76 -4.31 4.00
O2' SAH D . -7.70 -5.73 3.95
C1' SAH D . -7.58 -3.90 5.44
N9 SAH D . -8.79 -3.82 6.27
C8 SAH D . -10.04 -3.42 5.88
N7 SAH D . -10.81 -3.34 7.01
C5 SAH D . -10.05 -3.66 8.07
C6 SAH D . -10.30 -3.72 9.45
N6 SAH D . -11.52 -3.45 9.95
N1 SAH D . -9.29 -4.08 10.30
C2 SAH D . -8.02 -4.35 9.84
N3 SAH D . -7.78 -4.28 8.48
C4 SAH D . -8.78 -3.93 7.63
#